data_5FB2
#
_entry.id   5FB2
#
_cell.length_a   32.263
_cell.length_b   97.986
_cell.length_c   106.317
_cell.angle_alpha   90.00
_cell.angle_beta   90.00
_cell.angle_gamma   90.00
#
_symmetry.space_group_name_H-M   'C 2 2 21'
#
loop_
_entity.id
_entity.type
_entity.pdbx_description
1 polymer 'MarR family regulatory protein'
2 polymer "DNA (5'-D(*CP*GP*TP*TP*A)-3')"
3 non-polymer GLYCEROL
4 water water
#
loop_
_entity_poly.entity_id
_entity_poly.type
_entity_poly.pdbx_seq_one_letter_code
_entity_poly.pdbx_strand_id
1 'polypeptide(L)'
;SNEFTYSYLFRMISHEMKQKADQKLEQLDITNEQGHTLGYLYAHQQDGLTQNDIAKALQRTGPTVSNLLRNLERKKLIYR
YVDAQDTRRKNIGLTTSGIKLVEAFTSIFDEMEQTLVSQLSEEENEQMKANLTKMLSSLQ
;
A
2 'polydeoxyribonucleotide' (DC)(DG)(DT)(DT)(DA) B
#
# COMPACT_ATOMS: atom_id res chain seq x y z
N GLU A 3 2.89 9.97 -32.07
CA GLU A 3 3.82 10.87 -31.40
C GLU A 3 4.56 10.15 -30.27
N PHE A 4 3.81 9.56 -29.34
CA PHE A 4 4.38 8.86 -28.20
C PHE A 4 4.79 7.43 -28.56
N THR A 5 5.91 6.97 -28.01
CA THR A 5 6.28 5.57 -28.13
C THR A 5 5.49 4.76 -27.09
N TYR A 6 5.39 3.46 -27.32
CA TYR A 6 4.79 2.58 -26.33
C TYR A 6 5.57 2.63 -25.02
N SER A 7 6.89 2.69 -25.12
CA SER A 7 7.71 2.77 -23.92
C SER A 7 7.36 4.00 -23.07
N TYR A 8 7.17 5.14 -23.72
CA TYR A 8 6.79 6.34 -22.99
C TYR A 8 5.40 6.19 -22.34
N LEU A 9 4.45 5.69 -23.10
CA LEU A 9 3.09 5.53 -22.61
C LEU A 9 3.00 4.56 -21.42
N PHE A 10 3.68 3.43 -21.50
CA PHE A 10 3.59 2.44 -20.43
C PHE A 10 4.29 2.95 -19.18
N ARG A 11 5.42 3.62 -19.40
CA ARG A 11 6.14 4.22 -18.29
C ARG A 11 5.29 5.32 -17.64
N MET A 12 4.68 6.17 -18.46
CA MET A 12 3.89 7.28 -17.93
C MET A 12 2.63 6.80 -17.23
N ILE A 13 1.99 5.77 -17.78
CA ILE A 13 0.79 5.23 -17.14
C ILE A 13 1.16 4.68 -15.77
N SER A 14 2.29 4.00 -15.70
CA SER A 14 2.73 3.42 -14.42
C SER A 14 3.08 4.52 -13.44
N HIS A 15 3.80 5.53 -13.92
CA HIS A 15 4.10 6.70 -13.14
C HIS A 15 2.84 7.32 -12.52
N GLU A 16 1.82 7.56 -13.33
CA GLU A 16 0.60 8.21 -12.84
C GLU A 16 -0.13 7.31 -11.84
N MET A 17 -0.10 5.99 -12.06
CA MET A 17 -0.76 5.09 -11.14
C MET A 17 -0.08 5.15 -9.77
N LYS A 18 1.24 5.19 -9.77
CA LYS A 18 2.01 5.40 -8.54
C LYS A 18 1.70 6.75 -7.92
N GLN A 19 1.64 7.79 -8.75
CA GLN A 19 1.31 9.14 -8.30
C GLN A 19 -0.06 9.19 -7.62
N LYS A 20 -1.05 8.52 -8.21
CA LYS A 20 -2.37 8.45 -7.59
C LYS A 20 -2.28 7.82 -6.19
N ALA A 21 -1.50 6.76 -6.05
CA ALA A 21 -1.33 6.11 -4.74
C ALA A 21 -0.70 7.07 -3.72
N ASP A 22 0.41 7.68 -4.10
CA ASP A 22 1.04 8.73 -3.31
C ASP A 22 0.05 9.78 -2.87
N GLN A 23 -0.76 10.24 -3.83
CA GLN A 23 -1.75 11.27 -3.57
C GLN A 23 -2.79 10.81 -2.54
N LYS A 24 -3.18 9.54 -2.63
CA LYS A 24 -4.13 8.98 -1.67
C LYS A 24 -3.54 8.97 -0.27
N LEU A 25 -2.29 8.53 -0.15
CA LEU A 25 -1.58 8.58 1.12
C LEU A 25 -1.58 10.01 1.68
N GLU A 26 -1.26 10.99 0.84
N GLU A 26 -1.26 10.99 0.82
CA GLU A 26 -1.29 12.39 1.28
CA GLU A 26 -1.29 12.40 1.22
C GLU A 26 -2.65 12.80 1.83
C GLU A 26 -2.64 12.81 1.80
N GLN A 27 -3.72 12.43 1.12
CA GLN A 27 -5.05 12.77 1.59
C GLN A 27 -5.35 12.13 2.95
N LEU A 28 -4.77 10.95 3.21
CA LEU A 28 -4.96 10.26 4.49
C LEU A 28 -3.96 10.70 5.56
N ASP A 29 -3.14 11.68 5.20
CA ASP A 29 -2.13 12.27 6.09
C ASP A 29 -1.06 11.28 6.53
N ILE A 30 -0.72 10.32 5.67
CA ILE A 30 0.40 9.43 6.00
C ILE A 30 1.49 9.46 4.92
N THR A 31 2.71 9.18 5.33
CA THR A 31 3.83 9.10 4.40
C THR A 31 3.81 7.73 3.69
N ASN A 32 4.60 7.60 2.63
CA ASN A 32 4.71 6.33 1.91
C ASN A 32 5.16 5.24 2.84
N GLU A 33 6.19 5.54 3.62
CA GLU A 33 6.76 4.58 4.57
C GLU A 33 5.76 4.18 5.65
N GLN A 34 5.00 5.15 6.14
CA GLN A 34 3.94 4.86 7.10
C GLN A 34 2.90 3.96 6.44
N GLY A 35 2.57 4.27 5.19
CA GLY A 35 1.66 3.42 4.44
C GLY A 35 2.18 2.00 4.36
N HIS A 36 3.46 1.84 4.05
CA HIS A 36 4.03 0.50 3.93
C HIS A 36 3.96 -0.24 5.25
N THR A 37 4.23 0.46 6.34
CA THR A 37 4.19 -0.14 7.66
C THR A 37 2.78 -0.64 7.99
N LEU A 38 1.80 0.22 7.75
CA LEU A 38 0.42 -0.15 8.05
C LEU A 38 -0.07 -1.29 7.17
N GLY A 39 0.36 -1.28 5.91
CA GLY A 39 -0.01 -2.33 4.98
C GLY A 39 0.57 -3.68 5.38
N TYR A 40 1.80 -3.67 5.89
CA TYR A 40 2.42 -4.90 6.32
C TYR A 40 1.73 -5.44 7.58
N LEU A 41 1.38 -4.54 8.50
CA LEU A 41 0.62 -4.89 9.70
C LEU A 41 -0.72 -5.51 9.30
N TYR A 42 -1.38 -4.89 8.33
CA TYR A 42 -2.67 -5.38 7.83
C TYR A 42 -2.55 -6.82 7.34
N ALA A 43 -1.52 -7.09 6.56
CA ALA A 43 -1.28 -8.43 5.99
C ALA A 43 -0.88 -9.44 7.06
N HIS A 44 -0.43 -8.96 8.21
CA HIS A 44 0.03 -9.87 9.26
C HIS A 44 -0.63 -9.61 10.61
N GLN A 45 -1.87 -9.14 10.57
CA GLN A 45 -2.69 -8.92 11.77
C GLN A 45 -2.83 -10.16 12.65
N GLN A 46 -2.76 -11.33 12.05
CA GLN A 46 -3.02 -12.55 12.79
C GLN A 46 -1.85 -13.01 13.68
N ASP A 47 -0.65 -12.49 13.44
CA ASP A 47 0.58 -13.10 13.96
C ASP A 47 1.08 -12.65 15.35
N GLY A 48 0.96 -11.37 15.66
CA GLY A 48 1.52 -10.82 16.88
C GLY A 48 2.88 -10.18 16.62
N LEU A 49 2.90 -9.23 15.68
CA LEU A 49 4.16 -8.71 15.12
C LEU A 49 4.91 -7.77 16.05
N THR A 50 6.24 -7.79 15.97
CA THR A 50 7.05 -6.84 16.72
C THR A 50 7.73 -5.84 15.79
N GLN A 51 8.27 -4.79 16.36
CA GLN A 51 9.12 -3.85 15.65
C GLN A 51 10.22 -4.52 14.82
N ASN A 52 10.89 -5.52 15.39
CA ASN A 52 11.95 -6.24 14.68
C ASN A 52 11.47 -6.92 13.39
N ASP A 53 10.28 -7.50 13.46
CA ASP A 53 9.67 -8.16 12.31
C ASP A 53 9.48 -7.13 11.19
N ILE A 54 8.92 -5.99 11.56
CA ILE A 54 8.66 -4.89 10.64
C ILE A 54 9.95 -4.34 10.05
N ALA A 55 10.97 -4.16 10.88
CA ALA A 55 12.28 -3.69 10.41
C ALA A 55 12.86 -4.60 9.35
N LYS A 56 12.80 -5.90 9.60
CA LYS A 56 13.37 -6.87 8.67
C LYS A 56 12.58 -6.84 7.36
N ALA A 57 11.26 -6.81 7.47
CA ALA A 57 10.38 -6.81 6.31
C ALA A 57 10.53 -5.55 5.47
N LEU A 58 10.55 -4.39 6.11
CA LEU A 58 10.69 -3.12 5.39
C LEU A 58 12.14 -2.81 4.99
N GLN A 59 13.08 -3.60 5.48
CA GLN A 59 14.50 -3.33 5.30
C GLN A 59 14.85 -1.90 5.73
N ARG A 60 14.52 -1.58 6.98
CA ARG A 60 14.81 -0.28 7.54
C ARG A 60 15.49 -0.52 8.88
N THR A 61 16.26 0.45 9.35
CA THR A 61 16.94 0.31 10.64
C THR A 61 15.94 0.35 11.79
N GLY A 62 16.36 -0.13 12.94
CA GLY A 62 15.51 -0.15 14.11
C GLY A 62 15.03 1.23 14.54
N PRO A 63 15.95 2.21 14.60
CA PRO A 63 15.52 3.55 15.02
C PRO A 63 14.48 4.15 14.09
N THR A 64 14.60 3.87 12.80
CA THR A 64 13.62 4.35 11.83
C THR A 64 12.25 3.76 12.08
N VAL A 65 12.19 2.45 12.31
CA VAL A 65 10.91 1.81 12.55
C VAL A 65 10.33 2.26 13.89
N SER A 66 11.20 2.49 14.88
CA SER A 66 10.73 3.02 16.14
C SER A 66 10.04 4.37 15.94
N ASN A 67 10.65 5.25 15.16
CA ASN A 67 10.06 6.55 14.86
C ASN A 67 8.73 6.46 14.12
N LEU A 68 8.68 5.62 13.08
CA LEU A 68 7.44 5.32 12.37
C LEU A 68 6.32 4.85 13.30
N LEU A 69 6.64 3.86 14.12
CA LEU A 69 5.65 3.32 15.05
C LEU A 69 5.19 4.36 16.05
N ARG A 70 6.13 5.14 16.57
CA ARG A 70 5.78 6.24 17.48
C ARG A 70 4.74 7.16 16.85
N ASN A 71 4.98 7.55 15.60
CA ASN A 71 4.06 8.43 14.90
CA ASN A 71 4.07 8.41 14.86
C ASN A 71 2.71 7.76 14.63
N LEU A 72 2.71 6.49 14.22
CA LEU A 72 1.46 5.80 13.95
C LEU A 72 0.63 5.63 15.24
N GLU A 73 1.31 5.34 16.33
CA GLU A 73 0.64 5.20 17.61
C GLU A 73 0.09 6.54 18.10
N ARG A 74 0.79 7.63 17.83
CA ARG A 74 0.31 8.96 18.25
CA ARG A 74 0.30 8.94 18.26
C ARG A 74 -1.02 9.29 17.59
N LYS A 75 -1.25 8.73 16.42
CA LYS A 75 -2.52 8.88 15.72
C LYS A 75 -3.52 7.78 16.11
N LYS A 76 -3.09 6.85 16.94
CA LYS A 76 -3.90 5.69 17.32
C LYS A 76 -4.37 4.88 16.13
N LEU A 77 -3.50 4.74 15.13
CA LEU A 77 -3.75 3.86 14.00
C LEU A 77 -3.23 2.47 14.37
N ILE A 78 -2.34 2.44 15.35
CA ILE A 78 -1.86 1.18 15.89
C ILE A 78 -1.96 1.20 17.40
N TYR A 79 -1.88 0.02 18.01
CA TYR A 79 -1.72 -0.05 19.46
C TYR A 79 -0.57 -1.00 19.74
N ARG A 80 0.06 -0.87 20.90
CA ARG A 80 1.19 -1.73 21.26
C ARG A 80 0.98 -2.19 22.68
N TYR A 81 1.35 -3.43 22.97
CA TYR A 81 1.19 -3.95 24.32
C TYR A 81 2.31 -4.92 24.64
N VAL A 82 2.62 -5.01 25.92
CA VAL A 82 3.63 -5.95 26.35
C VAL A 82 3.12 -7.38 26.26
N ASP A 83 3.90 -8.24 25.63
CA ASP A 83 3.58 -9.66 25.51
C ASP A 83 3.46 -10.29 26.88
N ALA A 84 2.39 -11.08 27.09
CA ALA A 84 2.10 -11.66 28.39
C ALA A 84 3.12 -12.70 28.81
N GLN A 85 3.86 -13.24 27.85
CA GLN A 85 4.88 -14.25 28.17
CA GLN A 85 4.89 -14.25 28.15
C GLN A 85 6.30 -13.69 28.10
N ASP A 86 6.45 -12.43 27.70
CA ASP A 86 7.79 -11.84 27.52
C ASP A 86 7.81 -10.32 27.73
N THR A 87 8.26 -9.88 28.90
CA THR A 87 8.26 -8.45 29.25
C THR A 87 9.03 -7.55 28.28
N ARG A 88 10.01 -8.12 27.58
CA ARG A 88 10.86 -7.35 26.68
C ARG A 88 10.26 -7.21 25.29
N ARG A 89 9.13 -7.88 25.06
CA ARG A 89 8.53 -7.92 23.74
C ARG A 89 7.24 -7.11 23.71
N LYS A 90 7.13 -6.22 22.71
CA LYS A 90 5.89 -5.48 22.50
C LYS A 90 5.27 -5.92 21.20
N ASN A 91 4.02 -6.35 21.27
CA ASN A 91 3.26 -6.74 20.10
C ASN A 91 2.56 -5.50 19.54
N ILE A 92 2.32 -5.50 18.25
CA ILE A 92 1.71 -4.37 17.58
C ILE A 92 0.47 -4.81 16.83
N GLY A 93 -0.61 -4.06 16.96
CA GLY A 93 -1.81 -4.34 16.20
C GLY A 93 -2.36 -3.08 15.57
N LEU A 94 -3.18 -3.25 14.53
CA LEU A 94 -3.93 -2.12 13.98
C LEU A 94 -5.18 -1.85 14.80
N THR A 95 -5.44 -0.58 15.07
CA THR A 95 -6.75 -0.19 15.61
C THR A 95 -7.81 -0.25 14.53
N THR A 96 -9.05 -0.05 14.96
CA THR A 96 -10.18 0.07 14.03
C THR A 96 -9.85 1.10 12.95
N SER A 97 -9.34 2.26 13.36
CA SER A 97 -9.04 3.33 12.41
C SER A 97 -7.86 3.00 11.50
N GLY A 98 -6.86 2.28 12.02
CA GLY A 98 -5.74 1.80 11.23
C GLY A 98 -6.23 0.91 10.10
N ILE A 99 -7.07 -0.05 10.44
CA ILE A 99 -7.70 -0.91 9.44
C ILE A 99 -8.48 -0.10 8.41
N LYS A 100 -9.29 0.83 8.88
CA LYS A 100 -10.09 1.62 7.95
C LYS A 100 -9.22 2.42 6.98
N LEU A 101 -8.14 2.99 7.50
CA LEU A 101 -7.24 3.77 6.68
CA LEU A 101 -7.21 3.77 6.70
C LEU A 101 -6.53 2.92 5.62
N VAL A 102 -6.15 1.69 5.97
CA VAL A 102 -5.49 0.83 5.00
C VAL A 102 -6.49 0.48 3.90
N GLU A 103 -7.71 0.15 4.29
CA GLU A 103 -8.73 -0.26 3.31
C GLU A 103 -9.11 0.93 2.43
N ALA A 104 -9.10 2.12 3.01
CA ALA A 104 -9.36 3.34 2.24
C ALA A 104 -8.23 3.51 1.22
N PHE A 105 -6.99 3.32 1.65
CA PHE A 105 -5.87 3.42 0.72
C PHE A 105 -5.97 2.42 -0.43
N THR A 106 -6.19 1.16 -0.10
CA THR A 106 -6.17 0.14 -1.14
C THR A 106 -7.37 0.22 -2.06
N SER A 107 -8.39 0.97 -1.66
CA SER A 107 -9.55 1.18 -2.51
C SER A 107 -9.14 1.86 -3.84
N ILE A 108 -8.02 2.59 -3.81
CA ILE A 108 -7.59 3.36 -4.98
C ILE A 108 -7.23 2.48 -6.18
N PHE A 109 -6.90 1.21 -5.95
CA PHE A 109 -6.54 0.29 -7.04
C PHE A 109 -7.75 0.01 -7.91
N ASP A 110 -8.87 -0.37 -7.31
CA ASP A 110 -10.07 -0.60 -8.09
CA ASP A 110 -10.09 -0.60 -8.06
C ASP A 110 -10.63 0.70 -8.66
N GLU A 111 -10.48 1.79 -7.92
CA GLU A 111 -10.90 3.11 -8.44
C GLU A 111 -10.20 3.42 -9.78
N MET A 112 -8.90 3.18 -9.84
CA MET A 112 -8.16 3.46 -11.06
C MET A 112 -8.52 2.48 -12.17
N GLU A 113 -8.76 1.23 -11.79
CA GLU A 113 -9.18 0.22 -12.77
C GLU A 113 -10.49 0.66 -13.38
N GLN A 114 -11.43 1.09 -12.54
CA GLN A 114 -12.73 1.53 -13.02
C GLN A 114 -12.62 2.76 -13.93
N THR A 115 -11.73 3.69 -13.59
CA THR A 115 -11.45 4.84 -14.46
C THR A 115 -10.90 4.43 -15.82
N LEU A 116 -9.95 3.50 -15.84
CA LEU A 116 -9.34 3.08 -17.10
C LEU A 116 -10.37 2.41 -17.99
N VAL A 117 -11.14 1.51 -17.39
CA VAL A 117 -12.17 0.77 -18.11
C VAL A 117 -13.24 1.67 -18.73
N SER A 118 -13.56 2.76 -18.03
CA SER A 118 -14.64 3.64 -18.48
CA SER A 118 -14.63 3.65 -18.46
C SER A 118 -14.24 4.53 -19.65
N GLN A 119 -12.98 4.48 -20.07
CA GLN A 119 -12.51 5.33 -21.18
C GLN A 119 -12.89 4.80 -22.55
N LEU A 120 -13.18 3.50 -22.63
CA LEU A 120 -13.45 2.88 -23.92
C LEU A 120 -14.77 2.13 -23.94
N SER A 121 -15.30 1.92 -25.15
CA SER A 121 -16.50 1.10 -25.30
C SER A 121 -16.15 -0.33 -24.92
N GLU A 122 -17.18 -1.15 -24.70
CA GLU A 122 -16.96 -2.52 -24.27
C GLU A 122 -16.14 -3.28 -25.30
N GLU A 123 -16.50 -3.13 -26.56
CA GLU A 123 -15.75 -3.77 -27.64
C GLU A 123 -14.32 -3.29 -27.73
N GLU A 124 -14.08 -1.99 -27.53
CA GLU A 124 -12.74 -1.45 -27.55
C GLU A 124 -11.89 -1.99 -26.40
N ASN A 125 -12.51 -2.18 -25.23
CA ASN A 125 -11.79 -2.71 -24.09
C ASN A 125 -11.32 -4.14 -24.33
N GLU A 126 -12.17 -4.93 -24.98
CA GLU A 126 -11.82 -6.30 -25.29
C GLU A 126 -10.63 -6.32 -26.23
N GLN A 127 -10.66 -5.45 -27.25
CA GLN A 127 -9.57 -5.43 -28.21
C GLN A 127 -8.28 -4.94 -27.54
N MET A 128 -8.38 -3.88 -26.75
CA MET A 128 -7.22 -3.31 -26.09
C MET A 128 -6.56 -4.32 -25.19
N LYS A 129 -7.37 -5.05 -24.43
CA LYS A 129 -6.83 -6.06 -23.51
C LYS A 129 -6.16 -7.19 -24.26
N ALA A 130 -6.80 -7.66 -25.33
CA ALA A 130 -6.19 -8.63 -26.23
C ALA A 130 -4.81 -8.17 -26.73
N ASN A 131 -4.73 -6.93 -27.19
CA ASN A 131 -3.53 -6.41 -27.78
C ASN A 131 -2.43 -6.22 -26.76
N LEU A 132 -2.80 -5.68 -25.60
CA LEU A 132 -1.87 -5.54 -24.48
C LEU A 132 -1.36 -6.91 -24.05
N THR A 133 -2.25 -7.90 -24.11
CA THR A 133 -1.88 -9.27 -23.75
C THR A 133 -0.86 -9.80 -24.74
N LYS A 134 -1.02 -9.45 -26.01
CA LYS A 134 -0.05 -9.85 -27.01
C LYS A 134 1.29 -9.15 -26.81
N MET A 135 1.24 -7.87 -26.47
CA MET A 135 2.44 -7.10 -26.26
C MET A 135 3.20 -7.62 -25.05
N LEU A 136 2.45 -7.95 -24.01
CA LEU A 136 3.02 -8.53 -22.80
C LEU A 136 3.72 -9.85 -23.11
N SER A 137 3.09 -10.68 -23.95
N SER A 137 3.09 -10.67 -23.94
CA SER A 137 3.68 -11.95 -24.34
CA SER A 137 3.69 -11.95 -24.33
C SER A 137 5.00 -11.73 -25.08
C SER A 137 5.00 -11.74 -25.08
N SER A 138 5.03 -10.74 -25.96
CA SER A 138 6.20 -10.48 -26.80
C SER A 138 7.42 -10.08 -25.98
N LEU A 139 7.17 -9.70 -24.74
CA LEU A 139 8.27 -9.33 -23.86
C LEU A 139 8.68 -10.50 -22.98
N GLN A 140 7.96 -11.61 -23.09
CA GLN A 140 8.23 -12.78 -22.27
C GLN A 140 8.94 -13.90 -23.04
#